data_6Q3Q
#
_entry.id   6Q3Q
#
_cell.length_a   148.630
_cell.length_b   148.630
_cell.length_c   47.290
_cell.angle_alpha   90.000
_cell.angle_beta   90.000
_cell.angle_gamma   120.000
#
_symmetry.space_group_name_H-M   'P 63'
#
loop_
_entity.id
_entity.type
_entity.pdbx_description
1 polymer 'Outer envelope protein 64, mitochondrial'
2 polymer GLY-SER-LYS-MET-GLU-GLU-VAL-ASP
3 non-polymer GLYCEROL
4 non-polymer 'SULFATE ION'
5 water water
#
loop_
_entity_poly.entity_id
_entity_poly.type
_entity_poly.pdbx_seq_one_letter_code
_entity_poly.pdbx_strand_id
1 'polypeptide(L)'
;GNMEASEVMKEKGNAAYKGKQWNKAVNFYTEAIKLNGANATYYCNRAAAFLELCCFQQAEQDCTKAMLIDKKNVKAYLRR
GTAREELVRYKEAAADFRHALVLEPQNKTAKVAEKRLRKHI
;
A,B
2 'polypeptide(L)' GSKMEEVD a,b
#
loop_
_chem_comp.id
_chem_comp.type
_chem_comp.name
_chem_comp.formula
GOL non-polymer GLYCEROL 'C3 H8 O3'
SO4 non-polymer 'SULFATE ION' 'O4 S -2'
#
# COMPACT_ATOMS: atom_id res chain seq x y z
N GLY A 1 -3.13 6.99 40.67
CA GLY A 1 -3.56 8.43 40.66
C GLY A 1 -4.86 8.66 39.91
N ASN A 2 -5.88 7.87 40.26
CA ASN A 2 -7.23 7.99 39.70
C ASN A 2 -7.32 7.94 38.16
N MET A 3 -6.69 6.97 37.52
CA MET A 3 -6.95 6.77 36.08
C MET A 3 -8.39 6.23 35.94
N GLU A 4 -9.12 6.80 35.01
CA GLU A 4 -10.50 6.34 34.73
C GLU A 4 -10.44 4.86 34.23
N ALA A 5 -11.38 4.04 34.65
CA ALA A 5 -11.39 2.62 34.33
C ALA A 5 -11.37 2.37 32.79
N SER A 6 -12.09 3.18 32.03
CA SER A 6 -12.16 3.03 30.56
C SER A 6 -10.77 3.21 29.97
N GLU A 7 -10.02 4.13 30.54
CA GLU A 7 -8.65 4.40 30.07
CA GLU A 7 -8.65 4.39 30.07
C GLU A 7 -7.67 3.31 30.48
N VAL A 8 -7.87 2.70 31.65
CA VAL A 8 -7.09 1.55 32.04
C VAL A 8 -7.31 0.40 31.02
N MET A 9 -8.58 0.16 30.66
CA MET A 9 -8.90 -0.86 29.66
CA MET A 9 -8.90 -0.87 29.66
C MET A 9 -8.23 -0.53 28.34
N LYS A 10 -8.28 0.74 27.93
CA LYS A 10 -7.61 1.13 26.69
C LYS A 10 -6.11 0.85 26.73
N GLU A 11 -5.48 1.17 27.85
CA GLU A 11 -4.05 0.91 27.98
C GLU A 11 -3.74 -0.58 27.95
N LYS A 12 -4.59 -1.42 28.56
CA LYS A 12 -4.38 -2.88 28.46
C LYS A 12 -4.53 -3.34 26.99
N GLY A 13 -5.48 -2.75 26.27
CA GLY A 13 -5.64 -3.01 24.86
C GLY A 13 -4.42 -2.60 24.05
N ASN A 14 -3.90 -1.42 24.33
CA ASN A 14 -2.70 -0.98 23.66
C ASN A 14 -1.49 -1.89 23.89
N ALA A 15 -1.31 -2.36 25.13
CA ALA A 15 -0.23 -3.29 25.44
C ALA A 15 -0.42 -4.61 24.70
N ALA A 16 -1.64 -5.09 24.63
CA ALA A 16 -1.94 -6.30 23.86
C ALA A 16 -1.64 -6.07 22.35
N TYR A 17 -2.05 -4.92 21.81
CA TYR A 17 -1.81 -4.58 20.39
C TYR A 17 -0.29 -4.54 20.09
N LYS A 18 0.46 -3.90 20.97
CA LYS A 18 1.92 -3.83 20.86
C LYS A 18 2.59 -5.21 20.88
N GLY A 19 2.00 -6.15 21.60
CA GLY A 19 2.45 -7.55 21.59
C GLY A 19 1.85 -8.42 20.51
N LYS A 20 1.16 -7.82 19.53
CA LYS A 20 0.51 -8.57 18.48
C LYS A 20 -0.58 -9.53 18.95
N GLN A 21 -1.13 -9.28 20.13
CA GLN A 21 -2.22 -10.08 20.65
CA GLN A 21 -2.22 -10.08 20.65
C GLN A 21 -3.53 -9.39 20.23
N TRP A 22 -3.86 -9.55 18.94
CA TRP A 22 -4.91 -8.76 18.34
C TRP A 22 -6.28 -9.03 18.93
N ASN A 23 -6.59 -10.29 19.19
CA ASN A 23 -7.88 -10.60 19.78
C ASN A 23 -8.01 -10.08 21.21
N LYS A 24 -6.95 -10.22 22.00
CA LYS A 24 -6.95 -9.69 23.36
C LYS A 24 -7.09 -8.16 23.32
N ALA A 25 -6.48 -7.50 22.33
CA ALA A 25 -6.65 -6.05 22.13
C ALA A 25 -8.11 -5.71 21.85
N VAL A 26 -8.74 -6.44 20.94
CA VAL A 26 -10.14 -6.26 20.64
C VAL A 26 -10.99 -6.37 21.92
N ASN A 27 -10.72 -7.38 22.72
CA ASN A 27 -11.48 -7.61 23.96
C ASN A 27 -11.36 -6.42 24.91
N PHE A 28 -10.15 -5.93 25.10
CA PHE A 28 -9.94 -4.81 25.99
C PHE A 28 -10.56 -3.51 25.48
N TYR A 29 -10.39 -3.24 24.20
CA TYR A 29 -11.03 -2.07 23.60
C TYR A 29 -12.52 -2.15 23.66
N THR A 30 -13.06 -3.36 23.50
CA THR A 30 -14.51 -3.54 23.62
C THR A 30 -14.99 -3.20 25.04
N GLU A 31 -14.23 -3.60 26.04
CA GLU A 31 -14.58 -3.25 27.41
CA GLU A 31 -14.56 -3.26 27.43
C GLU A 31 -14.42 -1.74 27.64
N ALA A 32 -13.37 -1.15 27.06
CA ALA A 32 -13.21 0.29 27.13
C ALA A 32 -14.43 1.02 26.63
N ILE A 33 -14.97 0.58 25.48
CA ILE A 33 -16.13 1.16 24.86
C ILE A 33 -17.40 0.98 25.75
N LYS A 34 -17.55 -0.18 26.36
CA LYS A 34 -18.65 -0.42 27.30
C LYS A 34 -18.62 0.56 28.48
N LEU A 35 -17.42 0.92 28.91
CA LEU A 35 -17.24 1.84 30.01
C LEU A 35 -17.35 3.33 29.65
N ASN A 36 -17.00 3.65 28.41
CA ASN A 36 -17.14 4.98 27.86
CA ASN A 36 -17.14 4.99 27.86
C ASN A 36 -17.36 4.86 26.34
N GLY A 37 -18.62 4.99 25.93
CA GLY A 37 -19.04 4.82 24.56
C GLY A 37 -18.90 6.03 23.67
N ALA A 38 -18.30 7.12 24.16
CA ALA A 38 -18.19 8.35 23.40
C ALA A 38 -16.76 8.73 23.19
N ASN A 39 -15.89 7.76 23.00
CA ASN A 39 -14.49 8.04 22.85
C ASN A 39 -14.06 7.45 21.51
N ALA A 40 -13.61 8.32 20.62
CA ALA A 40 -13.30 7.92 19.25
C ALA A 40 -12.07 7.05 19.19
N THR A 41 -11.09 7.31 20.07
CA THR A 41 -9.86 6.60 20.10
C THR A 41 -10.05 5.11 20.39
N TYR A 42 -11.00 4.77 21.25
CA TYR A 42 -11.23 3.37 21.54
C TYR A 42 -11.70 2.62 20.31
N TYR A 43 -12.63 3.21 19.58
CA TYR A 43 -13.11 2.64 18.32
C TYR A 43 -12.01 2.58 17.26
N CYS A 44 -11.22 3.62 17.18
CA CYS A 44 -10.18 3.70 16.17
C CYS A 44 -9.08 2.69 16.46
N ASN A 45 -8.75 2.50 17.74
CA ASN A 45 -7.80 1.48 18.14
C ASN A 45 -8.36 0.08 17.85
N ARG A 46 -9.62 -0.14 18.14
CA ARG A 46 -10.22 -1.43 17.92
C ARG A 46 -10.20 -1.76 16.41
N ALA A 47 -10.44 -0.74 15.58
CA ALA A 47 -10.29 -0.89 14.13
C ALA A 47 -8.89 -1.36 13.75
N ALA A 48 -7.89 -0.80 14.38
CA ALA A 48 -6.51 -1.20 14.15
C ALA A 48 -6.30 -2.70 14.43
N ALA A 49 -6.85 -3.19 15.54
CA ALA A 49 -6.72 -4.60 15.88
C ALA A 49 -7.48 -5.47 14.90
N PHE A 50 -8.68 -5.05 14.55
CA PHE A 50 -9.44 -5.77 13.56
C PHE A 50 -8.74 -5.87 12.20
N LEU A 51 -8.06 -4.80 11.78
CA LEU A 51 -7.31 -4.85 10.51
C LEU A 51 -6.30 -6.00 10.51
N GLU A 52 -5.58 -6.18 11.60
CA GLU A 52 -4.58 -7.25 11.67
C GLU A 52 -5.16 -8.64 11.65
N LEU A 53 -6.43 -8.76 11.99
CA LEU A 53 -7.14 -10.02 11.89
C LEU A 53 -7.88 -10.17 10.58
N CYS A 54 -7.65 -9.26 9.64
CA CYS A 54 -8.38 -9.23 8.35
C CYS A 54 -9.86 -9.08 8.48
N CYS A 55 -10.29 -8.42 9.55
CA CYS A 55 -11.70 -8.21 9.80
C CYS A 55 -12.06 -6.84 9.23
N PHE A 56 -12.12 -6.75 7.91
CA PHE A 56 -12.22 -5.46 7.25
C PHE A 56 -13.53 -4.75 7.44
N GLN A 57 -14.64 -5.48 7.36
CA GLN A 57 -15.96 -4.92 7.60
C GLN A 57 -16.11 -4.36 9.02
N GLN A 58 -15.64 -5.10 10.01
CA GLN A 58 -15.69 -4.63 11.41
C GLN A 58 -14.77 -3.42 11.60
N ALA A 59 -13.60 -3.46 11.00
CA ALA A 59 -12.69 -2.31 11.05
C ALA A 59 -13.32 -1.06 10.46
N GLU A 60 -13.96 -1.24 9.30
CA GLU A 60 -14.63 -0.15 8.64
C GLU A 60 -15.73 0.47 9.53
N GLN A 61 -16.59 -0.35 10.11
CA GLN A 61 -17.63 0.10 11.00
C GLN A 61 -17.09 0.86 12.18
N ASP A 62 -16.03 0.36 12.78
CA ASP A 62 -15.39 1.05 13.89
C ASP A 62 -14.85 2.40 13.51
N CYS A 63 -14.27 2.49 12.32
CA CYS A 63 -13.74 3.76 11.82
C CYS A 63 -14.87 4.78 11.58
N THR A 64 -15.97 4.32 11.01
CA THR A 64 -17.13 5.17 10.76
C THR A 64 -17.69 5.72 12.09
N LYS A 65 -17.77 4.87 13.10
CA LYS A 65 -18.18 5.30 14.44
C LYS A 65 -17.14 6.28 15.06
N ALA A 66 -15.85 6.01 14.92
CA ALA A 66 -14.83 6.92 15.40
C ALA A 66 -15.00 8.34 14.79
N MET A 67 -15.31 8.38 13.48
CA MET A 67 -15.55 9.65 12.80
C MET A 67 -16.82 10.34 13.25
N LEU A 68 -17.87 9.58 13.54
CA LEU A 68 -19.07 10.12 14.12
C LEU A 68 -18.77 10.86 15.41
N ILE A 69 -17.87 10.31 16.21
CA ILE A 69 -17.51 10.89 17.50
C ILE A 69 -16.54 12.02 17.34
N ASP A 70 -15.56 11.85 16.48
CA ASP A 70 -14.57 12.87 16.23
C ASP A 70 -14.20 12.87 14.74
N LYS A 71 -14.78 13.81 14.00
CA LYS A 71 -14.63 13.83 12.54
C LYS A 71 -13.22 14.19 12.07
N LYS A 72 -12.38 14.66 12.98
CA LYS A 72 -10.98 14.99 12.68
C LYS A 72 -9.98 13.90 13.05
N ASN A 73 -10.46 12.71 13.43
CA ASN A 73 -9.54 11.64 13.77
C ASN A 73 -8.86 11.14 12.49
N VAL A 74 -7.57 11.41 12.33
CA VAL A 74 -6.86 11.11 11.09
C VAL A 74 -6.77 9.60 10.85
N LYS A 75 -6.45 8.84 11.90
CA LYS A 75 -6.22 7.40 11.75
C LYS A 75 -7.50 6.70 11.38
N ALA A 76 -8.66 7.25 11.73
CA ALA A 76 -9.91 6.66 11.32
C ALA A 76 -10.03 6.62 9.78
N TYR A 77 -9.54 7.68 9.10
CA TYR A 77 -9.59 7.73 7.63
C TYR A 77 -8.54 6.83 7.05
N LEU A 78 -7.35 6.79 7.64
CA LEU A 78 -6.32 5.91 7.13
C LEU A 78 -6.72 4.44 7.24
N ARG A 79 -7.32 4.09 8.38
CA ARG A 79 -7.76 2.72 8.63
C ARG A 79 -8.98 2.37 7.83
N ARG A 80 -9.93 3.30 7.68
CA ARG A 80 -11.08 2.98 6.85
C ARG A 80 -10.70 2.86 5.36
N GLY A 81 -9.78 3.71 4.88
CA GLY A 81 -9.28 3.58 3.51
C GLY A 81 -8.61 2.22 3.30
N THR A 82 -7.84 1.76 4.29
CA THR A 82 -7.19 0.46 4.26
C THR A 82 -8.21 -0.66 4.16
N ALA A 83 -9.25 -0.61 5.00
CA ALA A 83 -10.31 -1.61 4.98
C ALA A 83 -11.02 -1.59 3.65
N ARG A 84 -11.34 -0.41 3.16
CA ARG A 84 -12.09 -0.27 1.91
C ARG A 84 -11.32 -0.77 0.71
N GLU A 85 -10.01 -0.53 0.69
CA GLU A 85 -9.17 -1.11 -0.36
C GLU A 85 -9.23 -2.66 -0.37
N GLU A 86 -9.16 -3.24 0.83
CA GLU A 86 -9.32 -4.69 1.00
C GLU A 86 -10.67 -5.18 0.57
N LEU A 87 -11.71 -4.37 0.77
CA LEU A 87 -13.07 -4.69 0.40
C LEU A 87 -13.38 -4.35 -1.08
N VAL A 88 -12.38 -3.98 -1.86
CA VAL A 88 -12.55 -3.69 -3.28
C VAL A 88 -13.57 -2.56 -3.48
N ARG A 89 -13.42 -1.52 -2.65
CA ARG A 89 -14.22 -0.29 -2.78
C ARG A 89 -13.19 0.80 -3.00
N TYR A 90 -12.72 0.89 -4.22
CA TYR A 90 -11.50 1.65 -4.49
C TYR A 90 -11.70 3.16 -4.47
N LYS A 91 -12.81 3.64 -5.00
CA LYS A 91 -13.07 5.10 -4.97
C LYS A 91 -13.32 5.56 -3.54
N GLU A 92 -14.07 4.77 -2.79
CA GLU A 92 -14.22 5.06 -1.35
C GLU A 92 -12.92 5.05 -0.59
N ALA A 93 -12.06 4.07 -0.88
CA ALA A 93 -10.75 4.02 -0.26
C ALA A 93 -9.96 5.27 -0.61
N ALA A 94 -9.92 5.62 -1.90
CA ALA A 94 -9.21 6.83 -2.34
C ALA A 94 -9.76 8.09 -1.68
N ALA A 95 -11.07 8.16 -1.51
CA ALA A 95 -11.71 9.29 -0.81
C ALA A 95 -11.26 9.38 0.67
N ASP A 96 -11.16 8.25 1.34
CA ASP A 96 -10.67 8.26 2.74
C ASP A 96 -9.24 8.69 2.83
N PHE A 97 -8.37 8.15 1.98
CA PHE A 97 -6.96 8.54 2.01
C PHE A 97 -6.79 10.05 1.63
N ARG A 98 -7.64 10.53 0.77
CA ARG A 98 -7.64 11.94 0.37
CA ARG A 98 -7.65 11.93 0.37
C ARG A 98 -8.06 12.79 1.58
N HIS A 99 -9.09 12.37 2.31
CA HIS A 99 -9.53 13.09 3.53
CA HIS A 99 -9.50 13.09 3.52
C HIS A 99 -8.42 13.10 4.60
N ALA A 100 -7.73 11.98 4.77
CA ALA A 100 -6.60 11.92 5.68
C ALA A 100 -5.55 12.96 5.30
N LEU A 101 -5.30 13.11 4.01
CA LEU A 101 -4.32 14.09 3.51
C LEU A 101 -4.79 15.56 3.71
N VAL A 102 -6.09 15.80 3.66
CA VAL A 102 -6.64 17.12 4.03
C VAL A 102 -6.27 17.41 5.49
N LEU A 103 -6.48 16.42 6.37
CA LEU A 103 -6.19 16.57 7.78
C LEU A 103 -4.71 16.57 8.10
N GLU A 104 -3.93 15.83 7.33
CA GLU A 104 -2.52 15.62 7.60
C GLU A 104 -1.74 15.49 6.26
N PRO A 105 -1.44 16.65 5.65
CA PRO A 105 -0.87 16.72 4.30
C PRO A 105 0.40 15.95 4.03
N GLN A 106 1.22 15.75 5.05
CA GLN A 106 2.50 15.05 4.86
CA GLN A 106 2.51 15.06 4.88
C GLN A 106 2.39 13.53 5.04
N ASN A 107 1.17 12.99 5.24
CA ASN A 107 1.08 11.58 5.58
C ASN A 107 1.55 10.66 4.42
N LYS A 108 2.59 9.91 4.66
CA LYS A 108 3.20 9.12 3.63
C LYS A 108 2.40 7.88 3.22
N THR A 109 1.76 7.23 4.18
CA THR A 109 0.93 6.09 3.90
C THR A 109 -0.16 6.46 2.88
N ALA A 110 -0.82 7.58 3.13
CA ALA A 110 -1.88 8.06 2.30
C ALA A 110 -1.38 8.47 0.90
N LYS A 111 -0.21 9.10 0.82
CA LYS A 111 0.37 9.49 -0.47
C LYS A 111 0.70 8.26 -1.31
N VAL A 112 1.30 7.28 -0.66
CA VAL A 112 1.59 6.00 -1.28
C VAL A 112 0.29 5.32 -1.75
N ALA A 113 -0.74 5.33 -0.92
CA ALA A 113 -2.02 4.69 -1.26
C ALA A 113 -2.62 5.31 -2.51
N GLU A 114 -2.62 6.64 -2.58
CA GLU A 114 -3.23 7.31 -3.70
C GLU A 114 -2.57 6.95 -5.02
N LYS A 115 -1.24 6.80 -5.01
CA LYS A 115 -0.53 6.37 -6.23
C LYS A 115 -0.93 4.97 -6.62
N ARG A 116 -1.06 4.09 -5.63
CA ARG A 116 -1.43 2.69 -5.87
C ARG A 116 -2.86 2.57 -6.39
N LEU A 117 -3.76 3.43 -5.91
CA LEU A 117 -5.16 3.31 -6.24
C LEU A 117 -5.50 3.92 -7.61
N ARG A 118 -4.59 4.71 -8.21
CA ARG A 118 -4.89 5.40 -9.48
CA ARG A 118 -4.90 5.39 -9.47
C ARG A 118 -5.43 4.43 -10.54
N LYS A 119 -4.83 3.24 -10.62
CA LYS A 119 -5.22 2.23 -11.60
C LYS A 119 -6.60 1.67 -11.45
N HIS A 120 -7.24 1.90 -10.31
CA HIS A 120 -8.59 1.41 -10.07
C HIS A 120 -9.68 2.45 -10.07
N ILE A 121 -9.36 3.73 -9.89
CA ILE A 121 -10.42 4.70 -9.68
C ILE A 121 -10.92 5.26 -11.01
N GLY B 1 21.04 1.00 -36.55
CA GLY B 1 20.62 -0.43 -36.46
C GLY B 1 19.75 -0.70 -35.23
N ASN B 2 19.56 -1.97 -34.94
CA ASN B 2 18.57 -2.42 -33.95
C ASN B 2 18.71 -1.86 -32.53
N MET B 3 19.91 -1.87 -31.96
CA MET B 3 20.09 -1.36 -30.60
CA MET B 3 20.10 -1.35 -30.62
C MET B 3 19.72 0.13 -30.49
N GLU B 4 20.14 0.94 -31.46
CA GLU B 4 19.92 2.37 -31.42
C GLU B 4 18.41 2.62 -31.60
N ALA B 5 17.81 1.93 -32.56
CA ALA B 5 16.37 2.05 -32.80
C ALA B 5 15.55 1.64 -31.54
N SER B 6 16.05 0.63 -30.81
CA SER B 6 15.39 0.11 -29.62
C SER B 6 15.32 1.22 -28.59
N GLU B 7 16.33 2.06 -28.50
CA GLU B 7 16.35 3.18 -27.57
C GLU B 7 15.39 4.30 -27.94
N VAL B 8 15.23 4.53 -29.22
CA VAL B 8 14.24 5.49 -29.69
C VAL B 8 12.84 5.00 -29.29
N MET B 9 12.59 3.72 -29.46
CA MET B 9 11.31 3.10 -29.09
C MET B 9 11.10 3.24 -27.59
N LYS B 10 12.14 3.01 -26.79
CA LYS B 10 12.04 3.22 -25.35
C LYS B 10 11.68 4.66 -25.01
N GLU B 11 12.31 5.62 -25.66
CA GLU B 11 12.01 7.04 -25.42
CA GLU B 11 11.99 7.03 -25.41
C GLU B 11 10.54 7.36 -25.77
N LYS B 12 10.05 6.82 -26.89
CA LYS B 12 8.65 7.04 -27.26
C LYS B 12 7.70 6.41 -26.22
N GLY B 13 8.07 5.24 -25.74
CA GLY B 13 7.34 4.58 -24.69
C GLY B 13 7.32 5.38 -23.41
N ASN B 14 8.47 5.91 -23.03
CA ASN B 14 8.55 6.73 -21.84
C ASN B 14 7.68 7.95 -21.90
N ALA B 15 7.68 8.64 -23.05
CA ALA B 15 6.82 9.79 -23.23
C ALA B 15 5.33 9.41 -23.15
N ALA B 16 4.98 8.28 -23.75
CA ALA B 16 3.61 7.78 -23.67
C ALA B 16 3.25 7.47 -22.19
N TYR B 17 4.15 6.81 -21.47
CA TYR B 17 3.90 6.47 -20.05
C TYR B 17 3.69 7.74 -19.21
N LYS B 18 4.55 8.73 -19.42
CA LYS B 18 4.42 10.02 -18.75
C LYS B 18 3.10 10.73 -19.02
N GLY B 19 2.56 10.54 -20.21
CA GLY B 19 1.22 11.03 -20.55
C GLY B 19 0.07 10.12 -20.22
N LYS B 20 0.33 9.06 -19.43
CA LYS B 20 -0.72 8.11 -19.03
CA LYS B 20 -0.69 8.11 -19.02
C LYS B 20 -1.30 7.33 -20.20
N GLN B 21 -0.54 7.24 -21.31
CA GLN B 21 -1.00 6.46 -22.43
C GLN B 21 -0.40 5.07 -22.29
N TRP B 22 -1.02 4.29 -21.41
CA TRP B 22 -0.43 3.01 -20.99
C TRP B 22 -0.34 2.00 -22.13
N ASN B 23 -1.36 1.93 -22.99
CA ASN B 23 -1.33 1.01 -24.08
C ASN B 23 -0.29 1.40 -25.14
N LYS B 24 -0.23 2.69 -25.45
CA LYS B 24 0.79 3.17 -26.40
C LYS B 24 2.20 2.91 -25.84
N ALA B 25 2.37 3.05 -24.51
CA ALA B 25 3.65 2.75 -23.87
C ALA B 25 3.99 1.25 -24.04
N VAL B 26 3.01 0.37 -23.78
CA VAL B 26 3.20 -1.05 -23.99
C VAL B 26 3.67 -1.34 -25.43
N ASN B 27 3.02 -0.70 -26.40
CA ASN B 27 3.34 -0.92 -27.80
C ASN B 27 4.77 -0.54 -28.13
N PHE B 28 5.20 0.62 -27.64
CA PHE B 28 6.55 1.08 -27.91
C PHE B 28 7.60 0.22 -27.21
N TYR B 29 7.35 -0.11 -25.96
CA TYR B 29 8.27 -0.98 -25.23
C TYR B 29 8.33 -2.36 -25.84
N THR B 30 7.21 -2.85 -26.35
CA THR B 30 7.19 -4.13 -27.04
C THR B 30 8.07 -4.10 -28.28
N GLU B 31 8.03 -3.01 -29.03
CA GLU B 31 8.91 -2.87 -30.19
C GLU B 31 10.35 -2.74 -29.74
N ALA B 32 10.60 -2.00 -28.65
CA ALA B 32 11.95 -1.88 -28.11
C ALA B 32 12.54 -3.26 -27.81
N ILE B 33 11.74 -4.12 -27.17
CA ILE B 33 12.15 -5.46 -26.79
C ILE B 33 12.39 -6.34 -28.02
N LYS B 34 11.55 -6.23 -29.05
CA LYS B 34 11.73 -6.96 -30.30
C LYS B 34 13.06 -6.61 -30.95
N LEU B 35 13.48 -5.35 -30.84
CA LEU B 35 14.72 -4.87 -31.42
C LEU B 35 15.94 -5.21 -30.59
N ASN B 36 15.79 -5.23 -29.27
CA ASN B 36 16.86 -5.59 -28.35
C ASN B 36 16.22 -6.24 -27.11
N GLY B 37 16.27 -7.56 -27.06
CA GLY B 37 15.72 -8.35 -25.98
C GLY B 37 16.61 -8.50 -24.74
N ALA B 38 17.71 -7.78 -24.66
CA ALA B 38 18.66 -7.96 -23.56
C ALA B 38 18.82 -6.71 -22.76
N ASN B 39 17.78 -5.89 -22.68
CA ASN B 39 17.83 -4.71 -21.87
C ASN B 39 16.73 -4.82 -20.78
N ALA B 40 17.16 -4.83 -19.53
CA ALA B 40 16.26 -5.05 -18.40
C ALA B 40 15.28 -3.88 -18.23
N THR B 41 15.74 -2.67 -18.54
CA THR B 41 14.93 -1.48 -18.40
C THR B 41 13.68 -1.51 -19.31
N TYR B 42 13.80 -2.06 -20.49
CA TYR B 42 12.65 -2.15 -21.39
C TYR B 42 11.55 -3.03 -20.80
N TYR B 43 11.95 -4.16 -20.25
CA TYR B 43 11.00 -5.07 -19.59
C TYR B 43 10.42 -4.45 -18.35
N CYS B 44 11.26 -3.77 -17.56
CA CYS B 44 10.81 -3.18 -16.33
C CYS B 44 9.85 -2.02 -16.60
N ASN B 45 10.13 -1.23 -17.63
CA ASN B 45 9.24 -0.15 -18.02
C ASN B 45 7.91 -0.71 -18.55
N ARG B 46 7.97 -1.79 -19.33
CA ARG B 46 6.76 -2.37 -19.86
C ARG B 46 5.89 -2.89 -18.71
N ALA B 47 6.53 -3.47 -17.70
CA ALA B 47 5.84 -3.89 -16.48
C ALA B 47 5.10 -2.75 -15.82
N ALA B 48 5.72 -1.57 -15.79
CA ALA B 48 5.09 -0.38 -15.25
C ALA B 48 3.80 -0.04 -15.97
N ALA B 49 3.82 -0.08 -17.31
CA ALA B 49 2.63 0.21 -18.10
C ALA B 49 1.56 -0.86 -17.87
N PHE B 50 1.98 -2.11 -17.82
CA PHE B 50 1.04 -3.18 -17.56
C PHE B 50 0.35 -3.06 -16.20
N LEU B 51 1.07 -2.61 -15.16
CA LEU B 51 0.45 -2.42 -13.87
C LEU B 51 -0.74 -1.46 -13.94
N GLU B 52 -0.59 -0.36 -14.66
CA GLU B 52 -1.67 0.63 -14.72
C GLU B 52 -2.87 0.12 -15.52
N LEU B 53 -2.66 -0.87 -16.37
CA LEU B 53 -3.73 -1.49 -17.11
C LEU B 53 -4.35 -2.67 -16.36
N CYS B 54 -3.86 -2.97 -15.15
CA CYS B 54 -4.26 -4.17 -14.41
C CYS B 54 -3.94 -5.45 -15.15
N CYS B 55 -2.84 -5.41 -15.92
CA CYS B 55 -2.31 -6.62 -16.56
C CYS B 55 -1.27 -7.25 -15.66
N PHE B 56 -1.72 -7.81 -14.54
CA PHE B 56 -0.77 -8.20 -13.49
C PHE B 56 0.11 -9.39 -13.81
N GLN B 57 -0.44 -10.38 -14.48
CA GLN B 57 0.33 -11.52 -14.95
C GLN B 57 1.45 -11.14 -15.91
N GLN B 58 1.13 -10.28 -16.86
CA GLN B 58 2.13 -9.78 -17.82
C GLN B 58 3.17 -8.91 -17.13
N ALA B 59 2.74 -8.08 -16.19
CA ALA B 59 3.67 -7.29 -15.41
C ALA B 59 4.66 -8.16 -14.65
N GLU B 60 4.12 -9.18 -14.01
CA GLU B 60 4.94 -10.13 -13.27
CA GLU B 60 4.94 -10.16 -13.28
C GLU B 60 6.00 -10.81 -14.15
N GLN B 61 5.57 -11.32 -15.31
CA GLN B 61 6.48 -11.94 -16.26
C GLN B 61 7.58 -11.01 -16.72
N ASP B 62 7.22 -9.78 -17.03
CA ASP B 62 8.21 -8.79 -17.42
C ASP B 62 9.21 -8.50 -16.32
N CYS B 63 8.73 -8.42 -15.09
CA CYS B 63 9.62 -8.17 -13.94
C CYS B 63 10.61 -9.33 -13.73
N THR B 64 10.11 -10.55 -13.85
CA THR B 64 10.94 -11.74 -13.70
C THR B 64 12.06 -11.77 -14.78
N LYS B 65 11.69 -11.45 -16.01
CA LYS B 65 12.67 -11.30 -17.10
C LYS B 65 13.67 -10.17 -16.83
N ALA B 66 13.19 -9.01 -16.38
CA ALA B 66 14.08 -7.91 -16.04
C ALA B 66 15.15 -8.34 -15.02
N MET B 67 14.71 -9.07 -14.00
CA MET B 67 15.60 -9.61 -12.97
C MET B 67 16.59 -10.64 -13.50
N LEU B 68 16.17 -11.48 -14.42
CA LEU B 68 17.08 -12.40 -15.10
C LEU B 68 18.24 -11.63 -15.75
N ILE B 69 17.93 -10.48 -16.35
CA ILE B 69 18.92 -9.68 -17.03
C ILE B 69 19.74 -8.86 -16.05
N ASP B 70 19.08 -8.28 -15.06
CA ASP B 70 19.75 -7.48 -14.07
C ASP B 70 19.09 -7.72 -12.72
N LYS B 71 19.73 -8.56 -11.91
CA LYS B 71 19.16 -8.99 -10.63
C LYS B 71 19.08 -7.88 -9.59
N LYS B 72 19.76 -6.76 -9.84
CA LYS B 72 19.75 -5.61 -8.95
C LYS B 72 18.78 -4.50 -9.37
N ASN B 73 17.91 -4.77 -10.35
CA ASN B 73 16.94 -3.77 -10.75
C ASN B 73 15.89 -3.63 -9.65
N VAL B 74 15.90 -2.50 -8.95
CA VAL B 74 15.06 -2.31 -7.78
C VAL B 74 13.58 -2.27 -8.20
N LYS B 75 13.27 -1.54 -9.27
CA LYS B 75 11.90 -1.33 -9.68
C LYS B 75 11.26 -2.63 -10.13
N ALA B 76 12.05 -3.57 -10.62
CA ALA B 76 11.52 -4.89 -10.96
C ALA B 76 10.88 -5.57 -9.72
N TYR B 77 11.50 -5.41 -8.55
CA TYR B 77 10.98 -6.02 -7.33
C TYR B 77 9.79 -5.25 -6.83
N LEU B 78 9.85 -3.92 -6.90
CA LEU B 78 8.71 -3.12 -6.47
C LEU B 78 7.47 -3.41 -7.32
N ARG B 79 7.68 -3.50 -8.63
CA ARG B 79 6.60 -3.76 -9.58
C ARG B 79 6.08 -5.18 -9.49
N ARG B 80 6.98 -6.16 -9.33
CA ARG B 80 6.53 -7.51 -9.22
C ARG B 80 5.77 -7.73 -7.87
N GLY B 81 6.24 -7.13 -6.79
CA GLY B 81 5.53 -7.18 -5.52
C GLY B 81 4.14 -6.57 -5.63
N THR B 82 4.03 -5.45 -6.35
CA THR B 82 2.74 -4.81 -6.61
C THR B 82 1.80 -5.74 -7.36
N ALA B 83 2.29 -6.38 -8.42
CA ALA B 83 1.49 -7.30 -9.20
C ALA B 83 1.03 -8.48 -8.34
N ARG B 84 1.99 -9.03 -7.59
CA ARG B 84 1.70 -10.20 -6.76
C ARG B 84 0.69 -9.90 -5.66
N GLU B 85 0.78 -8.72 -5.05
CA GLU B 85 -0.23 -8.27 -4.08
C GLU B 85 -1.64 -8.20 -4.71
N GLU B 86 -1.75 -7.68 -5.92
CA GLU B 86 -3.03 -7.65 -6.67
C GLU B 86 -3.55 -9.05 -6.92
N LEU B 87 -2.61 -10.00 -7.16
CA LEU B 87 -2.97 -11.37 -7.43
C LEU B 87 -3.12 -12.22 -6.13
N VAL B 88 -3.17 -11.57 -4.99
CA VAL B 88 -3.30 -12.17 -3.66
C VAL B 88 -2.29 -13.27 -3.40
N ARG B 89 -1.06 -13.05 -3.89
CA ARG B 89 0.07 -13.88 -3.60
CA ARG B 89 0.10 -13.88 -3.62
C ARG B 89 0.95 -13.12 -2.62
N TYR B 90 0.51 -13.15 -1.38
CA TYR B 90 0.99 -12.20 -0.38
C TYR B 90 2.38 -12.48 0.10
N LYS B 91 2.73 -13.74 0.29
CA LYS B 91 4.09 -14.08 0.75
C LYS B 91 5.12 -13.76 -0.31
N GLU B 92 4.78 -14.09 -1.54
CA GLU B 92 5.62 -13.70 -2.66
C GLU B 92 5.74 -12.19 -2.82
N ALA B 93 4.62 -11.48 -2.66
CA ALA B 93 4.67 -10.01 -2.72
C ALA B 93 5.58 -9.49 -1.64
N ALA B 94 5.38 -9.95 -0.40
CA ALA B 94 6.22 -9.53 0.72
C ALA B 94 7.68 -9.83 0.48
N ALA B 95 7.98 -10.99 -0.12
CA ALA B 95 9.38 -11.32 -0.48
C ALA B 95 9.99 -10.33 -1.48
N ASP B 96 9.22 -9.93 -2.48
CA ASP B 96 9.71 -8.92 -3.42
C ASP B 96 9.95 -7.57 -2.79
N PHE B 97 9.01 -7.09 -1.97
CA PHE B 97 9.20 -5.81 -1.30
C PHE B 97 10.38 -5.85 -0.31
N ARG B 98 10.59 -7.02 0.29
CA ARG B 98 11.72 -7.22 1.21
C ARG B 98 13.02 -7.14 0.42
N HIS B 99 13.06 -7.78 -0.75
CA HIS B 99 14.25 -7.73 -1.62
CA HIS B 99 14.28 -7.70 -1.52
C HIS B 99 14.54 -6.30 -2.09
N ALA B 100 13.49 -5.55 -2.46
CA ALA B 100 13.66 -4.16 -2.84
C ALA B 100 14.34 -3.39 -1.70
N LEU B 101 13.93 -3.65 -0.47
CA LEU B 101 14.53 -2.99 0.70
C LEU B 101 16.00 -3.41 0.97
N VAL B 102 16.35 -4.65 0.65
CA VAL B 102 17.76 -5.07 0.67
C VAL B 102 18.56 -4.20 -0.30
N LEU B 103 18.04 -4.03 -1.52
CA LEU B 103 18.70 -3.22 -2.54
C LEU B 103 18.66 -1.73 -2.27
N GLU B 104 17.59 -1.27 -1.63
CA GLU B 104 17.33 0.16 -1.45
C GLU B 104 16.62 0.38 -0.11
N PRO B 105 17.39 0.38 0.99
CA PRO B 105 16.86 0.40 2.36
C PRO B 105 15.92 1.53 2.73
N GLN B 106 16.05 2.67 2.06
CA GLN B 106 15.23 3.83 2.35
CA GLN B 106 15.26 3.85 2.33
C GLN B 106 13.93 3.88 1.53
N ASN B 107 13.66 2.83 0.75
CA ASN B 107 12.50 2.91 -0.17
C ASN B 107 11.18 2.96 0.60
N LYS B 108 10.47 4.07 0.47
CA LYS B 108 9.29 4.26 1.29
C LYS B 108 8.08 3.38 0.86
N THR B 109 7.92 3.19 -0.45
CA THR B 109 6.87 2.36 -0.98
C THR B 109 6.96 0.96 -0.39
N ALA B 110 8.17 0.40 -0.41
CA ALA B 110 8.41 -0.93 0.07
C ALA B 110 8.21 -1.03 1.60
N LYS B 111 8.62 0.00 2.34
CA LYS B 111 8.40 0.02 3.81
C LYS B 111 6.94 0.01 4.13
N VAL B 112 6.20 0.86 3.43
CA VAL B 112 4.76 0.90 3.58
C VAL B 112 4.13 -0.45 3.24
N ALA B 113 4.57 -1.05 2.13
CA ALA B 113 4.04 -2.36 1.68
C ALA B 113 4.21 -3.44 2.73
N GLU B 114 5.41 -3.49 3.32
CA GLU B 114 5.68 -4.54 4.32
C GLU B 114 4.79 -4.43 5.52
N LYS B 115 4.49 -3.22 5.97
CA LYS B 115 3.56 -3.04 7.07
C LYS B 115 2.18 -3.51 6.72
N ARG B 116 1.76 -3.17 5.49
CA ARG B 116 0.41 -3.54 5.03
C ARG B 116 0.26 -5.04 4.88
N LEU B 117 1.33 -5.71 4.43
CA LEU B 117 1.25 -7.13 4.13
C LEU B 117 1.35 -8.01 5.36
N ARG B 118 1.77 -7.48 6.51
CA ARG B 118 1.95 -8.30 7.73
CA ARG B 118 1.96 -8.33 7.70
C ARG B 118 0.73 -9.14 8.04
N LYS B 119 -0.46 -8.54 7.91
CA LYS B 119 -1.72 -9.23 8.22
C LYS B 119 -2.05 -10.40 7.34
N HIS B 120 -1.40 -10.49 6.18
CA HIS B 120 -1.69 -11.56 5.24
C HIS B 120 -0.63 -12.68 5.17
N ILE B 121 0.51 -12.49 5.80
CA ILE B 121 1.61 -13.45 5.66
C ILE B 121 1.84 -14.16 6.98
N GLY C 1 4.21 12.25 11.87
CA GLY C 1 2.72 12.28 11.99
C GLY C 1 2.09 10.97 12.46
N SER C 2 1.04 10.53 11.77
CA SER C 2 0.16 9.49 12.29
C SER C 2 0.65 8.19 11.76
N LYS C 3 1.30 7.41 12.61
CA LYS C 3 1.70 6.04 12.22
C LYS C 3 0.54 5.11 12.47
N MET C 4 -0.04 4.59 11.39
CA MET C 4 -1.15 3.65 11.43
C MET C 4 -0.93 2.41 12.27
N GLU C 5 0.32 1.98 12.34
CA GLU C 5 0.68 0.78 13.07
C GLU C 5 0.80 1.07 14.60
N GLU C 6 0.51 2.29 15.03
CA GLU C 6 0.51 2.71 16.42
C GLU C 6 -0.90 3.04 16.85
N VAL C 7 -1.23 2.58 18.03
CA VAL C 7 -2.49 2.88 18.68
C VAL C 7 -2.24 4.08 19.63
N ASP C 8 -3.33 4.68 20.11
CA ASP C 8 -3.29 5.93 20.88
C ASP C 8 -3.99 5.82 22.21
N GLY D 1 14.49 7.94 -3.61
CA GLY D 1 15.28 7.21 -4.63
C GLY D 1 14.48 6.65 -5.82
N SER D 2 14.04 5.39 -5.71
CA SER D 2 13.38 4.72 -6.83
C SER D 2 11.91 5.01 -6.77
N LYS D 3 11.46 5.92 -7.63
CA LYS D 3 10.05 6.24 -7.74
C LYS D 3 9.43 5.32 -8.75
N MET D 4 8.61 4.38 -8.24
CA MET D 4 7.89 3.41 -9.06
C MET D 4 7.09 3.99 -10.17
N GLU D 5 6.58 5.19 -9.93
CA GLU D 5 5.75 5.86 -10.91
C GLU D 5 6.56 6.51 -12.04
N GLU D 6 7.88 6.35 -12.03
CA GLU D 6 8.69 6.85 -13.13
C GLU D 6 9.34 5.71 -13.86
N VAL D 7 9.46 5.88 -15.18
CA VAL D 7 10.13 4.90 -16.02
C VAL D 7 11.54 5.42 -16.28
N ASP D 8 12.40 4.57 -16.84
CA ASP D 8 13.84 4.85 -16.99
C ASP D 8 14.25 4.63 -18.43
C1 GOL E . -15.09 -8.94 6.57
O1 GOL E . -13.76 -8.59 6.10
C2 GOL E . -15.33 -9.37 8.02
O2 GOL E . -16.63 -9.99 8.14
C3 GOL E . -15.42 -8.21 8.97
O3 GOL E . -14.54 -8.20 10.04
C1 GOL F . 1.96 1.69 -7.55
O1 GOL F . 1.04 0.65 -7.13
C2 GOL F . 2.17 1.73 -9.06
O2 GOL F . 1.06 1.15 -9.73
C3 GOL F . 2.38 3.16 -9.62
O3 GOL F . 2.93 4.09 -8.66
C1 GOL G . -13.59 0.07 -10.04
O1 GOL G . -13.42 -0.94 -9.06
C2 GOL G . -13.94 1.43 -9.46
O2 GOL G . -15.21 1.37 -8.77
C3 GOL G . -13.92 2.45 -10.61
O3 GOL G . -15.05 3.30 -10.65
S SO4 H . -16.18 2.15 -5.18
O1 SO4 H . -15.54 2.50 -3.86
O2 SO4 H . -17.33 3.02 -5.38
O3 SO4 H . -15.15 2.36 -6.20
O4 SO4 H . -16.56 0.77 -5.15
S SO4 I . -8.02 8.66 24.91
O1 SO4 I . -7.62 9.30 23.62
O2 SO4 I . -9.00 9.57 25.54
O3 SO4 I . -8.64 7.36 24.71
O4 SO4 I . -6.81 8.47 25.76
S SO4 J . -4.49 -13.26 17.85
O1 SO4 J . -5.12 -11.99 17.97
O2 SO4 J . -3.66 -13.56 19.03
O3 SO4 J . -3.60 -13.39 16.65
O4 SO4 J . -5.50 -14.32 17.56
C1 GOL K . -4.28 -10.67 -15.00
O1 GOL K . -4.16 -9.55 -14.11
C2 GOL K . -4.06 -10.39 -16.50
O2 GOL K . -4.67 -11.50 -17.21
C3 GOL K . -2.56 -10.28 -16.73
O3 GOL K . -1.88 -9.72 -17.89
C1 GOL L . -1.17 -1.10 7.36
O1 GOL L . -2.13 -1.52 6.37
C2 GOL L . -1.85 -1.42 8.69
O2 GOL L . -2.63 -2.62 8.59
C3 GOL L . -0.87 -1.68 9.80
O3 GOL L . 0.25 -0.81 9.77
C1 GOL M . 22.61 -0.38 -33.88
O1 GOL M . 22.71 0.83 -34.63
C2 GOL M . 23.78 -0.41 -32.96
O2 GOL M . 23.84 -1.70 -32.36
C3 GOL M . 23.67 0.71 -31.98
O3 GOL M . 24.34 0.46 -30.76
C1 GOL N . 6.14 -10.53 -27.03
O1 GOL N . 4.94 -9.74 -27.24
C2 GOL N . 7.04 -9.86 -26.01
O2 GOL N . 7.57 -8.67 -26.58
C3 GOL N . 8.24 -10.68 -25.54
O3 GOL N . 8.22 -10.71 -24.11
S SO4 O . 1.70 -16.92 -1.53
O1 SO4 O . 2.48 -15.83 -2.21
O2 SO4 O . 1.08 -16.43 -0.25
O3 SO4 O . 0.61 -17.38 -2.43
O4 SO4 O . 2.57 -18.09 -1.17
S SO4 P . 18.95 1.90 -20.84
O1 SO4 P . 18.55 2.35 -19.47
O2 SO4 P . 17.81 2.10 -21.76
O3 SO4 P . 20.10 2.71 -21.34
O4 SO4 P . 19.37 0.48 -20.83
S SO4 Q . -3.43 4.63 -24.22
O1 SO4 Q . -3.85 6.10 -24.09
O2 SO4 Q . -3.44 4.19 -22.78
O3 SO4 Q . -2.21 4.49 -24.83
O4 SO4 Q . -4.52 3.96 -24.98
#